data_2IFZ
#
_entry.id   2IFZ
#
_entity_poly.entity_id   1
_entity_poly.type   'polypeptide(L)'
_entity_poly.pdbx_seq_one_letter_code
;GCCSDKRCAWRC(NH2)
;
_entity_poly.pdbx_strand_id   A
#
# COMPACT_ATOMS: atom_id res chain seq x y z
N GLY A 1 -4.91 -2.59 5.58
CA GLY A 1 -3.85 -3.63 5.67
C GLY A 1 -2.75 -3.52 4.60
N CYS A 2 -2.62 -4.54 3.74
CA CYS A 2 -1.58 -4.60 2.69
C CYS A 2 -2.15 -4.42 1.25
N CYS A 3 -2.35 -3.17 0.82
CA CYS A 3 -2.75 -2.86 -0.58
C CYS A 3 -1.53 -2.75 -1.56
N SER A 4 -1.67 -3.24 -2.80
CA SER A 4 -0.64 -3.08 -3.87
C SER A 4 -0.65 -1.68 -4.59
N ASP A 5 -0.38 -0.62 -3.82
CA ASP A 5 -0.41 0.79 -4.27
C ASP A 5 0.45 1.70 -3.30
N LYS A 6 0.92 2.85 -3.82
CA LYS A 6 1.80 3.80 -3.08
C LYS A 6 1.23 4.47 -1.77
N ARG A 7 0.11 5.21 -1.82
CA ARG A 7 -0.37 6.02 -0.65
C ARG A 7 -1.27 5.28 0.40
N CYS A 8 -2.11 4.30 0.01
CA CYS A 8 -2.85 3.43 0.97
C CYS A 8 -1.98 2.62 2.01
N ALA A 9 -0.94 1.90 1.59
CA ALA A 9 -0.04 1.13 2.50
C ALA A 9 1.41 1.08 1.95
N TRP A 10 2.27 2.06 2.32
CA TRP A 10 3.73 2.07 1.98
C TRP A 10 4.13 1.84 0.48
N ARG A 11 4.40 0.59 0.10
CA ARG A 11 4.06 0.07 -1.26
C ARG A 11 3.94 -1.49 -1.11
N CYS A 12 2.82 -2.00 -0.56
CA CYS A 12 2.78 -3.37 0.03
C CYS A 12 2.40 -4.50 -0.97
N GLY A 1 -5.09 -2.26 4.32
CA GLY A 1 -4.18 -3.15 5.10
C GLY A 1 -2.80 -3.29 4.48
N CYS A 2 -2.56 -4.40 3.78
CA CYS A 2 -1.38 -4.57 2.89
C CYS A 2 -1.80 -4.40 1.39
N CYS A 3 -1.88 -3.15 0.91
CA CYS A 3 -2.26 -2.83 -0.49
C CYS A 3 -1.03 -2.58 -1.41
N SER A 4 -1.01 -3.12 -2.64
CA SER A 4 0.10 -2.87 -3.63
C SER A 4 0.06 -1.49 -4.38
N ASP A 5 -0.11 -0.39 -3.63
CA ASP A 5 -0.34 0.98 -4.17
C ASP A 5 0.27 2.05 -3.20
N LYS A 6 0.74 3.17 -3.76
CA LYS A 6 1.56 4.18 -3.05
C LYS A 6 0.99 4.81 -1.72
N ARG A 7 -0.20 5.44 -1.75
CA ARG A 7 -0.77 6.16 -0.57
C ARG A 7 -1.39 5.28 0.57
N CYS A 8 -2.14 4.21 0.27
CA CYS A 8 -2.83 3.37 1.27
C CYS A 8 -1.94 2.58 2.29
N ALA A 9 -0.84 1.93 1.85
CA ALA A 9 0.13 1.23 2.76
C ALA A 9 1.50 1.00 2.04
N TRP A 10 2.33 2.07 1.93
CA TRP A 10 3.66 2.04 1.26
C TRP A 10 3.70 1.53 -0.23
N ARG A 11 3.76 0.21 -0.43
CA ARG A 11 3.38 -0.52 -1.68
C ARG A 11 3.54 -2.04 -1.32
N CYS A 12 2.55 -2.63 -0.63
CA CYS A 12 2.68 -3.92 0.09
C CYS A 12 2.08 -5.13 -0.67
N GLY A 1 -4.01 -1.29 4.88
CA GLY A 1 -3.56 -2.60 5.42
C GLY A 1 -2.40 -3.22 4.63
N CYS A 2 -2.71 -4.07 3.66
CA CYS A 2 -1.73 -4.47 2.61
C CYS A 2 -2.29 -4.33 1.16
N CYS A 3 -2.48 -3.08 0.69
CA CYS A 3 -2.72 -2.79 -0.73
C CYS A 3 -1.40 -2.66 -1.56
N SER A 4 -1.36 -3.21 -2.78
CA SER A 4 -0.22 -3.01 -3.72
C SER A 4 -0.25 -1.61 -4.43
N ASP A 5 0.06 -0.56 -3.66
CA ASP A 5 -0.23 0.86 -4.03
C ASP A 5 0.59 1.84 -3.13
N LYS A 6 0.88 3.03 -3.66
CA LYS A 6 1.69 4.07 -2.95
C LYS A 6 1.04 4.73 -1.67
N ARG A 7 -0.15 5.32 -1.78
CA ARG A 7 -0.81 6.05 -0.65
C ARG A 7 -1.47 5.17 0.46
N CYS A 8 -2.26 4.14 0.11
CA CYS A 8 -3.00 3.30 1.10
C CYS A 8 -2.15 2.40 2.07
N ALA A 9 -1.06 1.75 1.63
CA ALA A 9 -0.17 0.95 2.51
C ALA A 9 1.28 0.85 1.95
N TRP A 10 2.14 1.84 2.27
CA TRP A 10 3.58 1.87 1.84
C TRP A 10 3.86 1.60 0.32
N ARG A 11 4.23 0.37 -0.04
CA ARG A 11 3.93 -0.22 -1.38
C ARG A 11 3.80 -1.79 -1.20
N CYS A 12 2.72 -2.27 -0.58
CA CYS A 12 2.69 -3.63 0.03
C CYS A 12 2.50 -4.80 -0.98
N GLY A 1 -4.24 -1.26 4.66
CA GLY A 1 -3.83 -2.57 5.23
C GLY A 1 -2.57 -3.15 4.57
N CYS A 2 -2.75 -4.10 3.65
CA CYS A 2 -1.68 -4.49 2.69
C CYS A 2 -2.18 -4.35 1.21
N CYS A 3 -2.06 -3.14 0.65
CA CYS A 3 -2.38 -2.86 -0.77
C CYS A 3 -1.11 -2.76 -1.67
N SER A 4 -1.13 -3.32 -2.88
CA SER A 4 -0.11 -3.02 -3.92
C SER A 4 -0.35 -1.64 -4.63
N ASP A 5 -0.12 -0.55 -3.88
CA ASP A 5 -0.44 0.84 -4.29
C ASP A 5 0.22 1.84 -3.27
N LYS A 6 0.68 3.00 -3.74
CA LYS A 6 1.55 3.93 -2.97
C LYS A 6 0.98 4.53 -1.63
N ARG A 7 -0.13 5.27 -1.67
CA ARG A 7 -0.65 6.01 -0.47
C ARG A 7 -1.43 5.18 0.60
N CYS A 8 -2.23 4.18 0.22
CA CYS A 8 -2.93 3.27 1.17
C CYS A 8 -2.05 2.45 2.18
N ALA A 9 -0.96 1.81 1.74
CA ALA A 9 -0.03 1.05 2.64
C ALA A 9 1.39 0.94 2.00
N TRP A 10 2.31 1.87 2.34
CA TRP A 10 3.72 1.90 1.83
C TRP A 10 3.95 1.62 0.29
N ARG A 11 4.27 0.39 -0.08
CA ARG A 11 3.83 -0.24 -1.36
C ARG A 11 3.76 -1.79 -1.12
N CYS A 12 2.75 -2.27 -0.36
CA CYS A 12 2.76 -3.64 0.22
C CYS A 12 2.48 -4.77 -0.81
N GLY A 1 -5.19 -2.22 4.81
CA GLY A 1 -4.26 -3.32 5.15
C GLY A 1 -3.00 -3.38 4.27
N CYS A 2 -2.68 -4.54 3.68
CA CYS A 2 -1.55 -4.66 2.73
C CYS A 2 -1.98 -4.46 1.24
N CYS A 3 -2.23 -3.20 0.85
CA CYS A 3 -2.55 -2.85 -0.56
C CYS A 3 -1.28 -2.77 -1.48
N SER A 4 -1.34 -3.33 -2.70
CA SER A 4 -0.25 -3.12 -3.72
C SER A 4 -0.35 -1.75 -4.48
N ASP A 5 -0.21 -0.65 -3.72
CA ASP A 5 -0.37 0.75 -4.21
C ASP A 5 0.33 1.78 -3.25
N LYS A 6 0.44 3.04 -3.69
CA LYS A 6 1.36 4.05 -3.12
C LYS A 6 0.98 4.68 -1.74
N ARG A 7 -0.16 5.38 -1.63
CA ARG A 7 -0.55 6.14 -0.41
C ARG A 7 -1.32 5.33 0.69
N CYS A 8 -2.15 4.34 0.35
CA CYS A 8 -2.78 3.41 1.32
C CYS A 8 -1.83 2.65 2.31
N ALA A 9 -0.80 1.93 1.80
CA ALA A 9 0.19 1.22 2.63
C ALA A 9 1.58 1.12 1.93
N TRP A 10 2.39 2.20 1.99
CA TRP A 10 3.81 2.23 1.49
C TRP A 10 4.01 1.76 0.00
N ARG A 11 4.30 0.48 -0.24
CA ARG A 11 3.92 -0.22 -1.49
C ARG A 11 3.80 -1.76 -1.20
N CYS A 12 2.76 -2.21 -0.49
CA CYS A 12 2.76 -3.52 0.21
C CYS A 12 2.40 -4.75 -0.68
N GLY A 1 -5.47 -3.54 5.10
CA GLY A 1 -4.10 -3.91 5.55
C GLY A 1 -3.03 -3.71 4.46
N CYS A 2 -2.60 -4.81 3.85
CA CYS A 2 -1.50 -4.79 2.83
C CYS A 2 -2.03 -4.54 1.38
N CYS A 3 -2.18 -3.26 1.01
CA CYS A 3 -2.52 -2.85 -0.37
C CYS A 3 -1.25 -2.59 -1.24
N SER A 4 -1.16 -3.20 -2.45
CA SER A 4 -0.04 -2.94 -3.40
C SER A 4 -0.20 -1.59 -4.21
N ASP A 5 -0.07 -0.44 -3.53
CA ASP A 5 -0.21 0.91 -4.14
C ASP A 5 0.47 2.01 -3.25
N LYS A 6 0.94 3.10 -3.89
CA LYS A 6 1.75 4.18 -3.26
C LYS A 6 1.20 4.88 -1.95
N ARG A 7 -0.03 5.43 -1.97
CA ARG A 7 -0.59 6.21 -0.83
C ARG A 7 -1.20 5.37 0.34
N CYS A 8 -1.97 4.30 0.05
CA CYS A 8 -2.66 3.48 1.06
C CYS A 8 -1.80 2.72 2.14
N ALA A 9 -0.75 2.00 1.74
CA ALA A 9 0.15 1.25 2.67
C ALA A 9 1.56 1.06 2.03
N TRP A 10 2.45 2.08 2.14
CA TRP A 10 3.80 2.09 1.50
C TRP A 10 3.84 1.74 -0.03
N ARG A 11 4.10 0.47 -0.34
CA ARG A 11 3.69 -0.18 -1.62
C ARG A 11 3.63 -1.73 -1.35
N CYS A 12 2.60 -2.20 -0.62
CA CYS A 12 2.62 -3.55 0.02
C CYS A 12 2.09 -4.72 -0.86
N GLY A 1 -4.55 -4.46 6.22
CA GLY A 1 -3.76 -3.27 5.84
C GLY A 1 -3.07 -3.26 4.46
N CYS A 2 -2.43 -4.37 4.06
CA CYS A 2 -1.60 -4.44 2.83
C CYS A 2 -2.38 -4.26 1.48
N CYS A 3 -2.19 -3.12 0.83
CA CYS A 3 -2.73 -2.84 -0.53
C CYS A 3 -1.58 -2.76 -1.58
N SER A 4 -1.85 -3.13 -2.84
CA SER A 4 -0.83 -3.10 -3.93
C SER A 4 -0.57 -1.71 -4.64
N ASP A 5 -0.50 -0.62 -3.87
CA ASP A 5 -0.27 0.77 -4.37
C ASP A 5 0.51 1.63 -3.31
N LYS A 6 1.05 2.78 -3.77
CA LYS A 6 1.93 3.66 -2.97
C LYS A 6 1.29 4.41 -1.74
N ARG A 7 0.16 5.12 -1.92
CA ARG A 7 -0.45 5.98 -0.85
C ARG A 7 -1.17 5.21 0.30
N CYS A 8 -2.05 4.24 0.02
CA CYS A 8 -2.79 3.46 1.04
C CYS A 8 -1.94 2.74 2.14
N ALA A 9 -1.01 1.85 1.77
CA ALA A 9 -0.07 1.18 2.70
C ALA A 9 1.36 1.09 2.08
N TRP A 10 2.21 2.11 2.34
CA TRP A 10 3.65 2.12 1.95
C TRP A 10 4.01 1.88 0.44
N ARG A 11 4.19 0.62 0.02
CA ARG A 11 4.03 0.14 -1.37
C ARG A 11 3.97 -1.43 -1.26
N CYS A 12 2.86 -1.99 -0.74
CA CYS A 12 2.86 -3.33 -0.10
C CYS A 12 2.59 -4.54 -1.05
N GLY A 1 -4.67 -2.66 5.77
CA GLY A 1 -3.35 -3.31 6.06
C GLY A 1 -2.36 -3.35 4.89
N CYS A 2 -2.59 -4.23 3.92
CA CYS A 2 -1.71 -4.41 2.74
C CYS A 2 -2.46 -4.10 1.41
N CYS A 3 -2.00 -3.11 0.63
CA CYS A 3 -2.52 -2.82 -0.73
C CYS A 3 -1.40 -2.77 -1.82
N SER A 4 -1.69 -3.16 -3.07
CA SER A 4 -0.72 -3.04 -4.21
C SER A 4 -0.55 -1.60 -4.83
N ASP A 5 -0.37 -0.57 -3.97
CA ASP A 5 -0.30 0.86 -4.39
C ASP A 5 0.41 1.73 -3.28
N LYS A 6 1.08 2.81 -3.73
CA LYS A 6 1.96 3.67 -2.88
C LYS A 6 1.33 4.41 -1.65
N ARG A 7 0.15 5.04 -1.79
CA ARG A 7 -0.43 5.90 -0.72
C ARG A 7 -1.29 5.12 0.33
N CYS A 8 -2.19 4.21 -0.06
CA CYS A 8 -2.97 3.35 0.88
C CYS A 8 -2.20 2.49 1.95
N ALA A 9 -1.06 1.87 1.60
CA ALA A 9 -0.20 1.12 2.55
C ALA A 9 1.26 1.04 2.02
N TRP A 10 2.14 1.96 2.44
CA TRP A 10 3.59 2.01 2.07
C TRP A 10 3.97 1.77 0.56
N ARG A 11 4.24 0.53 0.15
CA ARG A 11 3.83 -0.01 -1.17
C ARG A 11 3.84 -1.57 -1.02
N CYS A 12 2.74 -2.15 -0.51
CA CYS A 12 2.74 -3.55 -0.01
C CYS A 12 2.55 -4.65 -1.10
N GLY A 1 -4.43 -2.17 5.55
CA GLY A 1 -3.46 -3.25 5.94
C GLY A 1 -2.35 -3.51 4.92
N CYS A 2 -2.66 -4.31 3.89
CA CYS A 2 -1.77 -4.48 2.71
C CYS A 2 -2.51 -4.10 1.39
N CYS A 3 -1.87 -3.27 0.55
CA CYS A 3 -2.36 -2.92 -0.80
C CYS A 3 -1.16 -2.74 -1.79
N SER A 4 -1.26 -3.26 -3.03
CA SER A 4 -0.20 -3.02 -4.06
C SER A 4 -0.27 -1.61 -4.77
N ASP A 5 -0.07 -0.54 -3.98
CA ASP A 5 -0.26 0.88 -4.41
C ASP A 5 0.45 1.86 -3.40
N LYS A 6 0.96 3.01 -3.89
CA LYS A 6 1.86 3.90 -3.12
C LYS A 6 1.31 4.73 -1.90
N ARG A 7 0.00 5.05 -1.83
CA ARG A 7 -0.59 5.92 -0.76
C ARG A 7 -1.40 5.17 0.36
N CYS A 8 -2.18 4.13 0.03
CA CYS A 8 -2.94 3.31 1.02
C CYS A 8 -2.11 2.61 2.16
N ALA A 9 -1.12 1.76 1.82
CA ALA A 9 -0.26 1.06 2.81
C ALA A 9 1.19 0.88 2.26
N TRP A 10 2.08 1.85 2.53
CA TRP A 10 3.51 1.84 2.08
C TRP A 10 3.73 1.65 0.53
N ARG A 11 4.08 0.43 0.11
CA ARG A 11 3.80 -0.09 -1.26
C ARG A 11 3.83 -1.66 -1.15
N CYS A 12 2.73 -2.28 -0.69
CA CYS A 12 2.73 -3.68 -0.22
C CYS A 12 2.41 -4.72 -1.34
N GLY A 1 -5.17 -2.92 5.42
CA GLY A 1 -3.85 -3.59 5.61
C GLY A 1 -2.88 -3.42 4.43
N CYS A 2 -2.47 -4.54 3.82
CA CYS A 2 -1.43 -4.54 2.75
C CYS A 2 -2.00 -4.40 1.30
N CYS A 3 -2.22 -3.16 0.86
CA CYS A 3 -2.60 -2.85 -0.54
C CYS A 3 -1.36 -2.70 -1.49
N SER A 4 -1.38 -3.28 -2.71
CA SER A 4 -0.26 -3.11 -3.69
C SER A 4 -0.26 -1.75 -4.49
N ASP A 5 -0.30 -0.63 -3.76
CA ASP A 5 -0.34 0.75 -4.31
C ASP A 5 0.35 1.75 -3.31
N LYS A 6 0.73 2.94 -3.79
CA LYS A 6 1.65 3.85 -3.05
C LYS A 6 1.09 4.50 -1.74
N ARG A 7 0.08 5.39 -1.79
CA ARG A 7 -0.39 6.13 -0.58
C ARG A 7 -1.23 5.33 0.47
N CYS A 8 -2.04 4.32 0.09
CA CYS A 8 -2.77 3.46 1.06
C CYS A 8 -1.92 2.69 2.13
N ALA A 9 -0.83 2.00 1.75
CA ALA A 9 0.07 1.29 2.70
C ALA A 9 1.50 1.11 2.09
N TRP A 10 2.43 2.05 2.36
CA TRP A 10 3.84 2.03 1.82
C TRP A 10 4.02 1.78 0.28
N ARG A 11 4.20 0.52 -0.11
CA ARG A 11 3.96 0.00 -1.49
C ARG A 11 3.77 -1.56 -1.37
N CYS A 12 2.67 -2.04 -0.77
CA CYS A 12 2.62 -3.41 -0.16
C CYS A 12 2.00 -4.52 -1.08
N GLY A 1 -5.13 -2.61 5.26
CA GLY A 1 -3.94 -3.48 5.42
C GLY A 1 -2.94 -3.42 4.26
N CYS A 2 -2.43 -4.58 3.83
CA CYS A 2 -1.34 -4.65 2.82
C CYS A 2 -1.81 -4.47 1.34
N CYS A 3 -2.09 -3.23 0.92
CA CYS A 3 -2.50 -2.90 -0.46
C CYS A 3 -1.30 -2.74 -1.47
N SER A 4 -1.46 -3.24 -2.71
CA SER A 4 -0.47 -3.00 -3.81
C SER A 4 -0.53 -1.56 -4.43
N ASP A 5 -0.11 -0.54 -3.65
CA ASP A 5 -0.31 0.89 -4.00
C ASP A 5 0.58 1.84 -3.13
N LYS A 6 0.88 3.03 -3.69
CA LYS A 6 1.71 4.08 -3.03
C LYS A 6 1.08 4.76 -1.76
N ARG A 7 -0.13 5.34 -1.86
CA ARG A 7 -0.75 6.13 -0.75
C ARG A 7 -1.41 5.30 0.40
N CYS A 8 -2.24 4.28 0.13
CA CYS A 8 -2.88 3.44 1.17
C CYS A 8 -1.95 2.72 2.21
N ALA A 9 -0.93 1.97 1.76
CA ALA A 9 0.04 1.30 2.66
C ALA A 9 1.43 1.13 1.96
N TRP A 10 2.31 2.15 2.08
CA TRP A 10 3.74 2.10 1.62
C TRP A 10 3.98 1.65 0.14
N ARG A 11 4.29 0.37 -0.10
CA ARG A 11 4.11 -0.29 -1.43
C ARG A 11 3.98 -1.83 -1.15
N CYS A 12 2.81 -2.30 -0.67
CA CYS A 12 2.69 -3.67 -0.09
C CYS A 12 2.07 -4.72 -1.07
N GLY A 1 -5.06 -2.85 4.80
CA GLY A 1 -3.89 -3.58 5.36
C GLY A 1 -2.71 -3.64 4.40
N CYS A 2 -2.58 -4.75 3.67
CA CYS A 2 -1.57 -4.89 2.59
C CYS A 2 -2.19 -4.63 1.18
N CYS A 3 -2.39 -3.34 0.84
CA CYS A 3 -2.76 -2.91 -0.52
C CYS A 3 -1.49 -2.68 -1.42
N SER A 4 -1.43 -3.25 -2.63
CA SER A 4 -0.29 -3.01 -3.57
C SER A 4 -0.39 -1.64 -4.34
N ASP A 5 -0.08 -0.57 -3.60
CA ASP A 5 -0.39 0.83 -3.97
C ASP A 5 0.51 1.78 -3.11
N LYS A 6 1.03 2.87 -3.70
CA LYS A 6 1.81 3.90 -2.97
C LYS A 6 1.06 4.67 -1.81
N ARG A 7 -0.17 5.15 -2.06
CA ARG A 7 -0.90 6.05 -1.12
C ARG A 7 -1.52 5.41 0.17
N CYS A 8 -2.19 4.24 0.09
CA CYS A 8 -2.72 3.54 1.30
C CYS A 8 -1.63 2.93 2.26
N ALA A 9 -0.85 1.93 1.83
CA ALA A 9 0.14 1.23 2.69
C ALA A 9 1.54 1.10 2.00
N TRP A 10 2.43 2.08 2.24
CA TRP A 10 3.85 2.07 1.78
C TRP A 10 4.11 1.75 0.27
N ARG A 11 4.37 0.49 -0.06
CA ARG A 11 3.91 -0.12 -1.33
C ARG A 11 3.79 -1.67 -1.11
N CYS A 12 2.70 -2.15 -0.50
CA CYS A 12 2.62 -3.56 0.00
C CYS A 12 2.19 -4.59 -1.09
N GLY A 1 -4.97 -3.24 5.70
CA GLY A 1 -3.67 -3.97 5.77
C GLY A 1 -2.75 -3.74 4.56
N CYS A 2 -2.50 -4.81 3.78
CA CYS A 2 -1.49 -4.79 2.69
C CYS A 2 -2.11 -4.54 1.27
N CYS A 3 -2.22 -3.26 0.88
CA CYS A 3 -2.63 -2.86 -0.50
C CYS A 3 -1.41 -2.63 -1.45
N SER A 4 -1.44 -3.17 -2.69
CA SER A 4 -0.34 -2.95 -3.69
C SER A 4 -0.39 -1.56 -4.42
N ASP A 5 -0.07 -0.50 -3.66
CA ASP A 5 -0.31 0.92 -4.04
C ASP A 5 0.54 1.84 -3.10
N LYS A 6 1.25 2.82 -3.69
CA LYS A 6 2.06 3.82 -2.93
C LYS A 6 1.31 4.68 -1.83
N ARG A 7 0.11 5.19 -2.12
CA ARG A 7 -0.69 6.03 -1.19
C ARG A 7 -1.30 5.28 0.04
N CYS A 8 -2.11 4.24 -0.16
CA CYS A 8 -2.80 3.52 0.96
C CYS A 8 -1.90 2.80 2.02
N ALA A 9 -0.92 1.97 1.64
CA ALA A 9 -0.04 1.25 2.60
C ALA A 9 1.41 1.07 2.05
N TRP A 10 2.31 2.05 2.32
CA TRP A 10 3.75 2.01 1.92
C TRP A 10 4.04 1.75 0.40
N ARG A 11 4.29 0.52 -0.03
CA ARG A 11 3.85 0.02 -1.36
C ARG A 11 3.67 -1.54 -1.27
N CYS A 12 2.62 -2.03 -0.58
CA CYS A 12 2.56 -3.44 -0.09
C CYS A 12 1.95 -4.46 -1.11
N GLY A 1 -3.28 -3.79 6.87
CA GLY A 1 -3.46 -3.22 5.51
C GLY A 1 -2.30 -3.48 4.54
N CYS A 2 -2.46 -4.47 3.66
CA CYS A 2 -1.52 -4.72 2.53
C CYS A 2 -2.19 -4.38 1.16
N CYS A 3 -2.15 -3.11 0.74
CA CYS A 3 -2.52 -2.71 -0.65
C CYS A 3 -1.25 -2.58 -1.56
N SER A 4 -1.29 -3.09 -2.79
CA SER A 4 -0.18 -2.95 -3.77
C SER A 4 -0.15 -1.59 -4.54
N ASP A 5 0.02 -0.47 -3.81
CA ASP A 5 -0.01 0.91 -4.36
C ASP A 5 0.60 1.94 -3.34
N LYS A 6 1.20 3.03 -3.84
CA LYS A 6 1.96 4.02 -3.03
C LYS A 6 1.22 4.72 -1.83
N ARG A 7 0.18 5.55 -2.07
CA ARG A 7 -0.45 6.38 -0.98
C ARG A 7 -1.46 5.68 0.00
N CYS A 8 -1.87 4.42 -0.24
CA CYS A 8 -2.75 3.67 0.69
C CYS A 8 -2.05 3.08 1.96
N ALA A 9 -1.13 2.11 1.81
CA ALA A 9 -0.40 1.46 2.94
C ALA A 9 1.01 0.99 2.47
N TRP A 10 2.04 1.84 2.71
CA TRP A 10 3.42 1.68 2.14
C TRP A 10 3.50 1.40 0.58
N ARG A 11 3.83 0.17 0.17
CA ARG A 11 3.65 -0.33 -1.21
C ARG A 11 3.73 -1.90 -1.18
N CYS A 12 2.61 -2.58 -0.87
CA CYS A 12 2.61 -4.00 -0.42
C CYS A 12 1.97 -4.99 -1.45
N GLY A 1 -4.08 -4.01 6.55
CA GLY A 1 -3.65 -2.87 5.71
C GLY A 1 -2.49 -3.18 4.74
N CYS A 2 -2.79 -3.92 3.67
CA CYS A 2 -1.81 -4.21 2.59
C CYS A 2 -2.50 -4.13 1.19
N CYS A 3 -2.54 -2.92 0.61
CA CYS A 3 -2.80 -2.71 -0.84
C CYS A 3 -1.48 -2.71 -1.68
N SER A 4 -1.51 -3.17 -2.93
CA SER A 4 -0.33 -3.09 -3.85
C SER A 4 -0.14 -1.69 -4.55
N ASP A 5 0.06 -0.63 -3.75
CA ASP A 5 -0.02 0.78 -4.20
C ASP A 5 0.66 1.77 -3.18
N LYS A 6 1.18 2.90 -3.68
CA LYS A 6 1.90 3.93 -2.87
C LYS A 6 1.17 4.52 -1.61
N ARG A 7 0.10 5.32 -1.76
CA ARG A 7 -0.49 6.10 -0.62
C ARG A 7 -1.53 5.40 0.32
N CYS A 8 -2.08 4.23 -0.05
CA CYS A 8 -2.88 3.38 0.89
C CYS A 8 -2.06 2.55 1.95
N ALA A 9 -1.03 1.78 1.54
CA ALA A 9 -0.14 1.05 2.46
C ALA A 9 1.31 0.97 1.89
N TRP A 10 2.18 1.94 2.25
CA TRP A 10 3.62 1.99 1.86
C TRP A 10 3.97 1.71 0.35
N ARG A 11 4.30 0.47 -0.01
CA ARG A 11 3.99 -0.08 -1.37
C ARG A 11 3.88 -1.64 -1.22
N CYS A 12 2.75 -2.15 -0.69
CA CYS A 12 2.67 -3.53 -0.14
C CYS A 12 2.19 -4.61 -1.18
#